data_1E3Z
#
_entry.id   1E3Z
#
_cell.length_a   52.720
_cell.length_b   78.270
_cell.length_c   238.860
_cell.angle_alpha   90.00
_cell.angle_beta   90.00
_cell.angle_gamma   90.00
#
_symmetry.space_group_name_H-M   'C 2 2 21'
#
loop_
_entity.id
_entity.type
_entity.pdbx_description
1 polymer ALPHA-AMYLASE
2 branched 4,6-dideoxy-alpha-D-xylo-hexopyranose-(1-4)-alpha-D-glucopyranose
3 branched 4,6-dideoxy-alpha-D-xylo-hexopyranose-(1-4)-alpha-D-glucopyranose-(1-4)-alpha-D-glucopyranose
4 non-polymer 'CALCIUM ION'
5 non-polymer 'SODIUM ION'
6 non-polymer 6-AMINO-4-HYDROXYMETHYL-CYCLOHEX-4-ENE-1,2,3-TRIOL
7 water water
#
_entity_poly.entity_id   1
_entity_poly.type   'polypeptide(L)'
_entity_poly.pdbx_seq_one_letter_code
;VNGTLMQYFEWYTPNDGQHWKRLQNDAEHLSDIGITAVWIPPAYKGLSQSDNGYGPYDLYDLGEFQQKGTVRTKYGTKSE
LQDAIGSLHSRNVQVYGDVVLNHKAGADATEDVTAVEVNPANRNQETSEEYQIKAWTDFRFPGRGNTYSDFKWHWYHFDG
ADWDESRKISRIFKFRGEGKAWDWEVSSENGNYDYLMYADVDYDHPDVVAETKKWGIWYANELSLDGFRIDAAKHIKFSF
LRDWVQAVRQATGKEMFTVAEYWQNNAGKLENYLNKTSFNQSVFDVPLHFNLQAASSQGGGYDMRKLLNGTVVSKHPLKS
VTFVDNHDTQPGQSLESTVQTWFKPLAYAFILTRESGYPQVFYGDMYGTKGDSQREIPALKHKIEPILKARKQYAYGAQH
DYFDHHDIVGWTREGDSSVANSGLAALITDGPGGAKRMYVGRQNAGETWHDITGNRSEPVVINSEGWGEFHVNGGSVSIY
VQR
;
_entity_poly.pdbx_strand_id   A
#
# COMPACT_ATOMS: atom_id res chain seq x y z
N VAL A 1 1.69 1.21 -22.09
CA VAL A 1 1.13 2.31 -21.24
C VAL A 1 1.74 2.25 -19.84
N ASN A 2 1.88 3.40 -19.19
CA ASN A 2 2.42 3.50 -17.84
C ASN A 2 1.47 2.82 -16.85
N GLY A 3 1.96 2.03 -15.90
CA GLY A 3 1.02 1.41 -14.95
C GLY A 3 0.76 2.34 -13.77
N THR A 4 -0.45 2.30 -13.24
CA THR A 4 -0.83 3.13 -12.08
C THR A 4 -1.68 2.28 -11.16
N LEU A 5 -1.33 2.20 -9.88
CA LEU A 5 -2.13 1.42 -8.93
C LEU A 5 -3.12 2.34 -8.22
N MET A 6 -4.27 1.83 -7.79
CA MET A 6 -5.14 2.65 -6.94
C MET A 6 -5.48 1.84 -5.69
N GLN A 7 -5.29 2.41 -4.52
CA GLN A 7 -5.73 1.70 -3.29
C GLN A 7 -7.23 1.95 -3.22
N TYR A 8 -8.12 0.95 -3.28
CA TYR A 8 -9.54 1.25 -3.39
C TYR A 8 -10.31 1.16 -2.08
N PHE A 9 -9.94 1.97 -1.09
CA PHE A 9 -10.60 2.06 0.18
C PHE A 9 -9.92 3.13 1.06
N GLU A 10 -10.60 3.60 2.10
CA GLU A 10 -9.99 4.51 3.07
C GLU A 10 -10.42 3.97 4.45
N TRP A 11 -9.83 4.44 5.55
CA TRP A 11 -10.22 3.83 6.82
C TRP A 11 -11.70 3.91 7.13
N TYR A 12 -12.29 5.05 6.75
CA TYR A 12 -13.69 5.25 7.14
C TYR A 12 -14.73 4.89 6.09
N THR A 13 -14.44 4.01 5.14
CA THR A 13 -15.49 3.54 4.21
C THR A 13 -16.65 3.03 5.06
N PRO A 14 -17.91 3.21 4.66
CA PRO A 14 -19.04 2.85 5.50
C PRO A 14 -19.28 1.34 5.62
N ASN A 15 -19.87 0.91 6.72
CA ASN A 15 -20.23 -0.49 6.90
C ASN A 15 -21.65 -0.72 6.37
N ASP A 16 -21.80 -0.45 5.07
CA ASP A 16 -23.13 -0.60 4.45
C ASP A 16 -23.20 -1.84 3.56
N GLY A 17 -22.14 -2.63 3.48
CA GLY A 17 -22.11 -3.82 2.66
C GLY A 17 -22.17 -3.55 1.15
N GLN A 18 -21.88 -2.33 0.72
CA GLN A 18 -21.97 -2.03 -0.71
C GLN A 18 -20.67 -1.69 -1.38
N HIS A 19 -19.54 -1.90 -0.72
CA HIS A 19 -18.25 -1.49 -1.33
C HIS A 19 -17.93 -2.25 -2.60
N TRP A 20 -18.19 -3.55 -2.68
CA TRP A 20 -17.92 -4.31 -3.89
C TRP A 20 -18.81 -3.80 -5.03
N LYS A 21 -20.04 -3.41 -4.72
CA LYS A 21 -20.91 -2.82 -5.74
C LYS A 21 -20.39 -1.46 -6.18
N ARG A 22 -19.83 -0.68 -5.26
CA ARG A 22 -19.25 0.61 -5.66
C ARG A 22 -18.10 0.40 -6.63
N LEU A 23 -17.25 -0.58 -6.32
CA LEU A 23 -16.10 -0.86 -7.19
C LEU A 23 -16.56 -1.30 -8.57
N GLN A 24 -17.51 -2.21 -8.61
CA GLN A 24 -18.07 -2.69 -9.87
C GLN A 24 -18.55 -1.49 -10.70
N ASN A 25 -19.32 -0.61 -10.07
CA ASN A 25 -19.83 0.55 -10.78
C ASN A 25 -18.76 1.56 -11.20
N ASP A 26 -17.57 1.56 -10.64
CA ASP A 26 -16.51 2.51 -10.97
C ASP A 26 -15.50 1.96 -11.96
N ALA A 27 -15.62 0.71 -12.38
CA ALA A 27 -14.65 0.07 -13.25
C ALA A 27 -14.38 0.85 -14.53
N GLU A 28 -15.46 1.28 -15.18
CA GLU A 28 -15.27 2.03 -16.44
C GLU A 28 -14.50 3.32 -16.23
N HIS A 29 -14.88 4.06 -15.21
CA HIS A 29 -14.23 5.33 -14.86
C HIS A 29 -12.75 5.15 -14.53
N LEU A 30 -12.44 4.15 -13.73
CA LEU A 30 -11.05 3.87 -13.36
C LEU A 30 -10.20 3.55 -14.58
N SER A 31 -10.73 2.71 -15.47
CA SER A 31 -9.98 2.36 -16.67
C SER A 31 -9.78 3.59 -17.57
N ASP A 32 -10.84 4.39 -17.71
CA ASP A 32 -10.74 5.61 -18.52
C ASP A 32 -9.70 6.60 -18.03
N ILE A 33 -9.51 6.77 -16.72
CA ILE A 33 -8.54 7.75 -16.24
C ILE A 33 -7.11 7.21 -16.20
N GLY A 34 -6.90 5.93 -16.47
CA GLY A 34 -5.53 5.40 -16.50
C GLY A 34 -5.14 4.45 -15.40
N ILE A 35 -6.07 4.06 -14.53
CA ILE A 35 -5.72 3.07 -13.49
C ILE A 35 -5.55 1.71 -14.15
N THR A 36 -4.48 0.99 -13.83
CA THR A 36 -4.23 -0.30 -14.44
C THR A 36 -4.31 -1.46 -13.44
N ALA A 37 -4.36 -1.13 -12.15
CA ALA A 37 -4.45 -2.15 -11.10
C ALA A 37 -5.09 -1.54 -9.84
N VAL A 38 -5.91 -2.33 -9.15
CA VAL A 38 -6.53 -1.85 -7.92
C VAL A 38 -6.13 -2.77 -6.76
N TRP A 39 -5.81 -2.18 -5.61
CA TRP A 39 -5.54 -2.95 -4.39
C TRP A 39 -6.86 -2.89 -3.60
N ILE A 40 -7.47 -4.06 -3.34
CA ILE A 40 -8.72 -4.10 -2.58
C ILE A 40 -8.41 -4.49 -1.11
N PRO A 41 -9.22 -4.05 -0.16
CA PRO A 41 -9.01 -4.32 1.24
C PRO A 41 -9.15 -5.83 1.52
N PRO A 42 -8.71 -6.28 2.69
CA PRO A 42 -8.83 -7.67 3.09
C PRO A 42 -10.30 -8.08 2.92
N ALA A 43 -10.56 -9.08 2.11
CA ALA A 43 -11.91 -9.50 1.73
C ALA A 43 -12.51 -10.65 2.50
N TYR A 44 -11.82 -11.16 3.51
CA TYR A 44 -12.25 -12.30 4.32
C TYR A 44 -12.83 -11.85 5.65
N LYS A 45 -13.59 -12.71 6.30
CA LYS A 45 -14.33 -12.41 7.51
C LYS A 45 -13.45 -12.01 8.70
N GLY A 46 -13.74 -10.85 9.25
CA GLY A 46 -13.03 -10.27 10.39
C GLY A 46 -13.70 -10.71 11.69
N LEU A 47 -13.18 -10.27 12.84
CA LEU A 47 -13.84 -10.72 14.08
C LEU A 47 -15.21 -10.10 14.30
N SER A 48 -15.60 -9.10 13.52
CA SER A 48 -16.96 -8.57 13.54
C SER A 48 -17.26 -8.07 12.12
N GLN A 49 -18.55 -7.82 11.85
CA GLN A 49 -18.99 -7.31 10.57
C GLN A 49 -18.36 -5.96 10.21
N SER A 50 -18.14 -5.10 11.20
CA SER A 50 -17.59 -3.77 10.90
C SER A 50 -16.09 -3.65 10.88
N ASP A 51 -15.37 -4.75 11.06
CA ASP A 51 -13.91 -4.74 11.07
C ASP A 51 -13.42 -4.41 9.66
N ASN A 52 -12.38 -3.60 9.52
CA ASN A 52 -11.84 -3.27 8.21
C ASN A 52 -11.13 -4.44 7.54
N GLY A 53 -10.89 -5.53 8.28
CA GLY A 53 -10.25 -6.70 7.67
C GLY A 53 -8.87 -7.00 8.26
N TYR A 54 -8.38 -6.08 9.10
CA TYR A 54 -7.07 -6.26 9.71
C TYR A 54 -7.17 -7.00 11.04
N GLY A 55 -8.37 -7.43 11.41
CA GLY A 55 -8.49 -8.39 12.56
C GLY A 55 -9.19 -9.62 11.93
N PRO A 56 -8.49 -10.33 11.05
CA PRO A 56 -9.05 -11.46 10.31
C PRO A 56 -9.36 -12.66 11.17
N TYR A 57 -10.58 -13.20 11.02
CA TYR A 57 -11.00 -14.39 11.74
C TYR A 57 -10.85 -15.64 10.87
N ASP A 58 -11.42 -15.62 9.67
CA ASP A 58 -11.36 -16.81 8.80
C ASP A 58 -10.96 -16.41 7.39
N LEU A 59 -9.74 -16.78 6.98
CA LEU A 59 -9.31 -16.45 5.61
C LEU A 59 -10.10 -17.15 4.51
N TYR A 60 -10.82 -18.23 4.83
CA TYR A 60 -11.59 -18.95 3.82
C TYR A 60 -13.05 -18.48 3.73
N ASP A 61 -13.43 -17.48 4.48
CA ASP A 61 -14.80 -16.96 4.43
C ASP A 61 -14.78 -15.62 3.71
N LEU A 62 -15.10 -15.57 2.42
CA LEU A 62 -15.08 -14.30 1.72
C LEU A 62 -16.44 -13.60 1.72
N GLY A 63 -17.25 -13.86 2.73
CA GLY A 63 -18.59 -13.26 2.81
C GLY A 63 -19.65 -14.23 2.30
N GLU A 64 -19.59 -15.50 2.69
CA GLU A 64 -20.61 -16.46 2.24
C GLU A 64 -21.03 -17.41 3.36
N PHE A 65 -20.42 -17.34 4.54
CA PHE A 65 -20.84 -18.23 5.64
C PHE A 65 -21.33 -17.39 6.81
N GLN A 66 -22.25 -17.94 7.58
CA GLN A 66 -22.84 -17.24 8.72
C GLN A 66 -21.92 -17.40 9.91
N GLN A 67 -21.04 -16.41 10.12
CA GLN A 67 -20.06 -16.45 11.19
C GLN A 67 -19.90 -15.04 11.76
N LYS A 68 -19.76 -14.91 13.07
CA LYS A 68 -19.69 -13.58 13.69
C LYS A 68 -20.95 -12.76 13.52
N GLY A 69 -22.11 -13.40 13.42
CA GLY A 69 -23.39 -12.73 13.30
C GLY A 69 -23.70 -12.15 11.93
N THR A 70 -22.90 -12.51 10.92
CA THR A 70 -23.13 -11.90 9.60
C THR A 70 -22.69 -12.82 8.49
N VAL A 71 -23.32 -12.73 7.31
CA VAL A 71 -22.84 -13.49 6.16
C VAL A 71 -21.81 -12.62 5.44
N ARG A 72 -22.19 -11.42 5.05
CA ARG A 72 -21.25 -10.53 4.35
C ARG A 72 -20.13 -10.05 5.28
N THR A 73 -19.05 -9.57 4.65
CA THR A 73 -18.01 -8.88 5.39
C THR A 73 -18.50 -7.42 5.43
N LYS A 74 -17.65 -6.53 5.90
CA LYS A 74 -17.99 -5.11 5.91
C LYS A 74 -18.27 -4.67 4.48
N TYR A 75 -17.51 -5.22 3.51
CA TYR A 75 -17.53 -4.76 2.15
C TYR A 75 -18.61 -5.37 1.25
N GLY A 76 -19.15 -6.53 1.59
CA GLY A 76 -20.22 -7.13 0.78
C GLY A 76 -20.10 -8.65 0.78
N THR A 77 -20.81 -9.30 -0.14
CA THR A 77 -20.75 -10.76 -0.22
C THR A 77 -19.72 -11.23 -1.20
N LYS A 78 -19.43 -12.55 -1.15
CA LYS A 78 -18.46 -13.11 -2.07
C LYS A 78 -18.94 -12.96 -3.52
N SER A 79 -20.22 -13.19 -3.78
CA SER A 79 -20.65 -13.10 -5.19
C SER A 79 -20.52 -11.68 -5.69
N GLU A 80 -20.75 -10.68 -4.87
CA GLU A 80 -20.61 -9.28 -5.26
C GLU A 80 -19.15 -8.97 -5.59
N LEU A 81 -18.25 -9.47 -4.77
CA LEU A 81 -16.81 -9.31 -5.04
C LEU A 81 -16.38 -9.95 -6.36
N GLN A 82 -16.87 -11.19 -6.62
CA GLN A 82 -16.48 -11.82 -7.89
C GLN A 82 -17.04 -11.04 -9.09
N ASP A 83 -18.24 -10.49 -8.99
CA ASP A 83 -18.78 -9.66 -10.07
C ASP A 83 -17.95 -8.40 -10.24
N ALA A 84 -17.46 -7.78 -9.16
CA ALA A 84 -16.62 -6.58 -9.33
C ALA A 84 -15.33 -6.89 -10.07
N ILE A 85 -14.68 -7.99 -9.66
CA ILE A 85 -13.42 -8.41 -10.30
C ILE A 85 -13.67 -8.71 -11.77
N GLY A 86 -14.81 -9.31 -12.05
CA GLY A 86 -15.18 -9.61 -13.46
C GLY A 86 -15.29 -8.32 -14.26
N SER A 87 -15.91 -7.29 -13.74
CA SER A 87 -16.03 -6.02 -14.45
C SER A 87 -14.70 -5.32 -14.66
N LEU A 88 -13.82 -5.36 -13.65
CA LEU A 88 -12.50 -4.78 -13.81
C LEU A 88 -11.69 -5.48 -14.91
N HIS A 89 -11.69 -6.82 -14.85
CA HIS A 89 -10.92 -7.61 -15.81
C HIS A 89 -11.49 -7.39 -17.23
N SER A 90 -12.79 -7.16 -17.33
CA SER A 90 -13.33 -6.95 -18.69
C SER A 90 -12.85 -5.62 -19.26
N ARG A 91 -12.35 -4.74 -18.40
CA ARG A 91 -11.78 -3.47 -18.81
C ARG A 91 -10.26 -3.40 -18.68
N ASN A 92 -9.61 -4.54 -18.64
CA ASN A 92 -8.18 -4.73 -18.55
C ASN A 92 -7.53 -4.03 -17.34
N VAL A 93 -8.21 -4.13 -16.20
CA VAL A 93 -7.65 -3.60 -14.94
C VAL A 93 -7.35 -4.79 -14.02
N GLN A 94 -6.16 -4.85 -13.46
CA GLN A 94 -5.78 -5.98 -12.60
C GLN A 94 -6.21 -5.75 -11.15
N VAL A 95 -6.25 -6.84 -10.37
CA VAL A 95 -6.71 -6.75 -8.99
C VAL A 95 -5.66 -7.36 -8.07
N TYR A 96 -5.23 -6.62 -7.03
CA TYR A 96 -4.27 -7.17 -6.10
C TYR A 96 -5.00 -7.35 -4.76
N GLY A 97 -4.91 -8.51 -4.15
CA GLY A 97 -5.60 -8.71 -2.86
C GLY A 97 -4.67 -8.41 -1.69
N ASP A 98 -5.26 -7.83 -0.62
CA ASP A 98 -4.50 -7.56 0.61
C ASP A 98 -4.42 -8.89 1.36
N VAL A 99 -3.25 -9.24 1.86
CA VAL A 99 -3.00 -10.52 2.53
C VAL A 99 -2.60 -10.27 3.98
N VAL A 100 -3.41 -10.65 4.96
CA VAL A 100 -3.10 -10.40 6.36
C VAL A 100 -2.78 -11.74 7.05
N LEU A 101 -1.51 -12.05 7.12
CA LEU A 101 -1.00 -13.30 7.65
C LEU A 101 -0.25 -13.23 8.97
N ASN A 102 -0.05 -12.05 9.53
CA ASN A 102 0.76 -12.02 10.77
C ASN A 102 0.06 -12.64 11.98
N HIS A 103 -1.25 -12.46 12.06
CA HIS A 103 -2.02 -12.85 13.24
C HIS A 103 -3.43 -13.26 12.88
N LYS A 104 -4.11 -13.87 13.87
CA LYS A 104 -5.50 -14.24 13.76
C LYS A 104 -6.23 -13.60 14.95
N ALA A 105 -7.49 -13.18 14.72
CA ALA A 105 -8.30 -12.54 15.71
C ALA A 105 -9.69 -13.16 15.89
N GLY A 106 -10.27 -13.04 17.07
CA GLY A 106 -11.65 -13.49 17.26
C GLY A 106 -11.82 -14.98 17.47
N ALA A 107 -10.89 -15.62 18.17
CA ALA A 107 -11.02 -17.06 18.40
C ALA A 107 -12.38 -17.39 19.01
N ASP A 108 -12.87 -18.59 18.71
CA ASP A 108 -14.14 -19.09 19.24
C ASP A 108 -14.12 -19.36 20.74
N ALA A 109 -12.96 -19.70 21.26
CA ALA A 109 -12.87 -20.03 22.68
C ALA A 109 -11.43 -19.88 23.16
N THR A 110 -11.28 -19.89 24.48
CA THR A 110 -9.94 -19.83 25.04
C THR A 110 -9.40 -21.22 25.27
N GLU A 111 -8.09 -21.32 25.41
CA GLU A 111 -7.39 -22.52 25.78
C GLU A 111 -6.40 -22.21 26.92
N ASP A 112 -6.10 -23.21 27.73
CA ASP A 112 -5.12 -23.03 28.81
C ASP A 112 -3.74 -23.16 28.21
N VAL A 113 -2.82 -22.21 28.44
CA VAL A 113 -1.52 -22.23 27.84
C VAL A 113 -0.46 -21.84 28.87
N THR A 114 0.70 -22.45 28.80
CA THR A 114 1.80 -22.05 29.69
C THR A 114 2.58 -20.95 28.96
N ALA A 115 2.91 -19.84 29.63
CA ALA A 115 3.56 -18.73 28.94
C ALA A 115 4.49 -17.95 29.86
N VAL A 116 5.34 -17.12 29.29
CA VAL A 116 6.22 -16.22 30.05
C VAL A 116 5.98 -14.80 29.48
N GLU A 117 6.13 -13.77 30.31
CA GLU A 117 6.06 -12.39 29.82
C GLU A 117 7.43 -12.03 29.23
N VAL A 118 7.49 -11.13 28.25
CA VAL A 118 8.77 -10.69 27.71
C VAL A 118 8.82 -9.16 27.78
N ASN A 119 10.01 -8.56 27.73
CA ASN A 119 10.16 -7.10 27.74
C ASN A 119 9.66 -6.50 26.44
N PRO A 120 8.72 -5.56 26.50
CA PRO A 120 8.14 -4.96 25.29
C PRO A 120 9.17 -4.28 24.43
N ALA A 121 10.24 -3.76 25.05
CA ALA A 121 11.32 -3.12 24.32
C ALA A 121 12.41 -4.09 23.90
N ASN A 122 12.39 -5.32 24.42
CA ASN A 122 13.37 -6.33 24.00
C ASN A 122 12.69 -7.69 24.15
N ARG A 123 11.97 -8.10 23.10
CA ARG A 123 11.17 -9.34 23.19
C ARG A 123 12.04 -10.59 23.29
N ASN A 124 13.37 -10.43 23.15
CA ASN A 124 14.24 -11.60 23.36
C ASN A 124 14.40 -11.88 24.86
N GLN A 125 14.14 -10.90 25.71
CA GLN A 125 14.29 -11.10 27.14
C GLN A 125 13.03 -11.59 27.83
N GLU A 126 13.14 -12.70 28.56
CA GLU A 126 11.99 -13.13 29.35
C GLU A 126 12.04 -12.39 30.69
N THR A 127 10.89 -11.87 31.11
CA THR A 127 10.81 -11.12 32.36
C THR A 127 9.95 -11.74 33.43
N SER A 128 9.39 -12.92 33.23
CA SER A 128 8.63 -13.54 34.32
C SER A 128 9.01 -15.03 34.31
N GLU A 129 8.56 -15.72 35.35
CA GLU A 129 8.71 -17.17 35.41
C GLU A 129 7.50 -17.70 34.62
N GLU A 130 7.44 -18.97 34.28
CA GLU A 130 6.28 -19.43 33.51
C GLU A 130 5.05 -19.59 34.37
N TYR A 131 3.88 -19.33 33.77
CA TYR A 131 2.62 -19.50 34.48
C TYR A 131 1.47 -19.72 33.49
N GLN A 132 0.33 -20.15 33.99
CA GLN A 132 -0.80 -20.49 33.13
C GLN A 132 -1.71 -19.33 32.79
N ILE A 133 -2.04 -19.16 31.51
CA ILE A 133 -2.97 -18.11 31.12
C ILE A 133 -4.13 -18.74 30.29
N LYS A 134 -5.17 -17.98 30.07
CA LYS A 134 -6.23 -18.44 29.16
C LYS A 134 -6.13 -17.49 27.94
N ALA A 135 -5.71 -18.00 26.79
CA ALA A 135 -5.52 -17.18 25.60
C ALA A 135 -6.58 -17.53 24.53
N TRP A 136 -6.92 -16.54 23.71
CA TRP A 136 -7.94 -16.75 22.67
C TRP A 136 -7.29 -17.37 21.44
N THR A 137 -7.20 -18.70 21.38
CA THR A 137 -6.50 -19.39 20.32
C THR A 137 -7.24 -20.56 19.67
N ASP A 138 -8.46 -20.88 20.06
CA ASP A 138 -9.18 -22.02 19.48
C ASP A 138 -10.08 -21.50 18.35
N PHE A 139 -9.76 -21.84 17.10
CA PHE A 139 -10.52 -21.38 15.94
C PHE A 139 -11.19 -22.62 15.30
N ARG A 140 -12.51 -22.68 15.34
CA ARG A 140 -13.26 -23.82 14.83
C ARG A 140 -14.11 -23.57 13.58
N PHE A 141 -14.44 -22.36 13.23
CA PHE A 141 -15.19 -21.98 12.04
C PHE A 141 -16.54 -22.70 11.93
N PRO A 142 -17.39 -22.51 12.91
CA PRO A 142 -18.65 -23.25 13.04
C PRO A 142 -19.63 -22.99 11.91
N GLY A 143 -19.56 -21.82 11.31
CA GLY A 143 -20.41 -21.49 10.16
C GLY A 143 -19.90 -22.05 8.86
N ARG A 144 -18.60 -22.36 8.74
CA ARG A 144 -18.06 -22.91 7.50
C ARG A 144 -17.90 -24.42 7.56
N GLY A 145 -17.68 -24.96 8.76
CA GLY A 145 -17.42 -26.40 8.87
C GLY A 145 -16.12 -26.71 8.11
N ASN A 146 -16.09 -27.81 7.37
CA ASN A 146 -14.87 -28.16 6.65
C ASN A 146 -14.86 -27.71 5.20
N THR A 147 -15.81 -26.87 4.78
CA THR A 147 -15.82 -26.41 3.39
C THR A 147 -14.46 -25.78 3.07
N TYR A 148 -13.86 -26.20 1.96
CA TYR A 148 -12.59 -25.72 1.46
C TYR A 148 -11.37 -26.17 2.26
N SER A 149 -11.46 -26.25 3.57
CA SER A 149 -10.23 -26.63 4.33
C SER A 149 -10.66 -27.18 5.67
N ASP A 150 -10.14 -28.33 6.09
CA ASP A 150 -10.59 -28.82 7.40
C ASP A 150 -9.61 -28.43 8.50
N PHE A 151 -8.66 -27.54 8.24
CA PHE A 151 -7.67 -27.17 9.25
C PHE A 151 -8.28 -26.36 10.38
N LYS A 152 -8.04 -26.75 11.64
CA LYS A 152 -8.53 -26.01 12.81
C LYS A 152 -7.32 -25.45 13.57
N TRP A 153 -7.43 -24.31 14.23
CA TRP A 153 -6.26 -23.71 14.89
C TRP A 153 -6.33 -23.89 16.40
N HIS A 154 -5.17 -24.11 17.01
CA HIS A 154 -4.98 -24.24 18.43
C HIS A 154 -3.79 -23.39 18.90
N TRP A 155 -3.63 -23.35 20.24
CA TRP A 155 -2.54 -22.47 20.76
C TRP A 155 -1.17 -22.80 20.17
N TYR A 156 -0.92 -24.09 19.91
CA TYR A 156 0.41 -24.51 19.48
C TYR A 156 0.71 -24.07 18.06
N HIS A 157 -0.26 -23.48 17.36
CA HIS A 157 0.02 -22.93 16.04
C HIS A 157 0.47 -21.46 16.13
N PHE A 158 0.53 -20.92 17.34
CA PHE A 158 0.89 -19.49 17.53
C PHE A 158 2.13 -19.34 18.41
N ASP A 159 2.82 -18.20 18.36
CA ASP A 159 4.00 -18.00 19.20
C ASP A 159 3.67 -17.25 20.50
N GLY A 160 2.59 -16.45 20.48
CA GLY A 160 2.24 -15.65 21.63
C GLY A 160 0.97 -14.84 21.43
N ALA A 161 0.58 -14.12 22.46
CA ALA A 161 -0.63 -13.32 22.46
C ALA A 161 -0.46 -12.18 23.47
N ASP A 162 -1.40 -11.24 23.56
CA ASP A 162 -1.18 -10.12 24.50
C ASP A 162 -2.32 -9.97 25.48
N TRP A 163 -3.09 -11.03 25.70
CA TRP A 163 -4.24 -10.94 26.60
C TRP A 163 -4.47 -12.28 27.31
N ASP A 164 -4.59 -12.17 28.62
CA ASP A 164 -4.86 -13.35 29.45
C ASP A 164 -6.28 -13.14 29.97
N GLU A 165 -7.18 -14.00 29.52
CA GLU A 165 -8.58 -13.90 29.89
C GLU A 165 -8.84 -14.28 31.34
N SER A 166 -7.91 -15.01 31.96
CA SER A 166 -8.19 -15.39 33.35
C SER A 166 -7.93 -14.26 34.35
N ARG A 167 -6.85 -13.51 34.25
CA ARG A 167 -6.58 -12.40 35.15
C ARG A 167 -7.02 -11.08 34.54
N LYS A 168 -7.32 -11.11 33.24
CA LYS A 168 -7.72 -9.94 32.51
C LYS A 168 -6.62 -8.88 32.49
N ILE A 169 -5.41 -9.28 32.08
CA ILE A 169 -4.29 -8.36 31.98
C ILE A 169 -3.67 -8.41 30.58
N SER A 170 -3.15 -7.28 30.15
CA SER A 170 -2.48 -7.17 28.87
C SER A 170 -0.97 -7.12 29.06
N ARG A 171 -0.22 -8.06 28.52
CA ARG A 171 1.22 -8.14 28.57
C ARG A 171 1.66 -8.82 27.25
N ILE A 172 2.93 -8.80 26.90
CA ILE A 172 3.32 -9.62 25.73
C ILE A 172 3.70 -11.01 26.27
N PHE A 173 2.89 -12.02 25.91
CA PHE A 173 3.13 -13.37 26.39
C PHE A 173 3.76 -14.21 25.27
N LYS A 174 4.84 -14.88 25.60
CA LYS A 174 5.46 -15.84 24.66
C LYS A 174 5.01 -17.22 25.11
N PHE A 175 4.49 -18.07 24.22
CA PHE A 175 4.04 -19.39 24.67
C PHE A 175 5.19 -20.37 24.88
N ARG A 176 5.05 -21.33 25.80
CA ARG A 176 5.99 -22.40 26.00
C ARG A 176 5.48 -23.62 25.22
N GLY A 177 6.35 -24.48 24.74
CA GLY A 177 5.84 -25.66 24.00
C GLY A 177 7.05 -26.22 23.26
N GLU A 178 6.87 -27.16 22.33
CA GLU A 178 8.00 -27.72 21.61
C GLU A 178 8.58 -26.77 20.55
N GLY A 179 9.85 -26.45 20.71
CA GLY A 179 10.62 -25.56 19.86
C GLY A 179 10.07 -24.16 19.70
N LYS A 180 9.35 -23.68 20.71
CA LYS A 180 8.71 -22.37 20.66
C LYS A 180 9.72 -21.24 20.83
N ALA A 181 9.67 -20.27 19.93
CA ALA A 181 10.51 -19.10 20.00
C ALA A 181 9.97 -18.10 18.99
N TRP A 182 10.27 -16.81 19.20
CA TRP A 182 9.86 -15.87 18.14
C TRP A 182 10.57 -16.25 16.86
N ASP A 183 9.91 -16.00 15.72
CA ASP A 183 10.44 -16.29 14.40
C ASP A 183 11.59 -15.36 14.06
N TRP A 184 12.46 -15.83 13.17
CA TRP A 184 13.61 -15.04 12.69
C TRP A 184 13.90 -15.51 11.28
N GLU A 185 14.21 -14.64 10.32
CA GLU A 185 14.46 -13.24 10.54
C GLU A 185 13.22 -12.35 10.44
N VAL A 186 13.10 -11.38 11.32
CA VAL A 186 12.06 -10.36 11.33
C VAL A 186 12.76 -9.04 11.67
N SER A 187 12.07 -7.93 11.73
CA SER A 187 12.71 -6.67 12.15
C SER A 187 13.38 -6.84 13.52
N SER A 188 14.55 -6.24 13.72
CA SER A 188 15.25 -6.32 15.01
C SER A 188 14.87 -5.16 15.93
N GLU A 189 13.89 -4.36 15.48
CA GLU A 189 13.37 -3.29 16.35
C GLU A 189 12.73 -3.95 17.58
N ASN A 190 12.90 -3.37 18.76
CA ASN A 190 12.39 -3.99 19.99
C ASN A 190 13.03 -5.36 20.21
N GLY A 191 14.25 -5.54 19.71
CA GLY A 191 14.97 -6.79 19.85
C GLY A 191 14.52 -7.82 18.81
N ASN A 192 13.20 -8.03 18.76
CA ASN A 192 12.61 -8.98 17.79
C ASN A 192 11.16 -8.50 17.65
N TYR A 193 10.77 -8.08 16.45
CA TYR A 193 9.41 -7.54 16.31
C TYR A 193 8.45 -8.55 15.70
N ASP A 194 8.60 -9.84 16.03
CA ASP A 194 7.62 -10.84 15.50
C ASP A 194 6.22 -10.52 16.04
N TYR A 195 6.09 -10.26 17.36
CA TYR A 195 4.83 -9.97 17.98
C TYR A 195 4.31 -8.58 17.66
N LEU A 196 3.06 -8.44 17.19
CA LEU A 196 2.47 -7.13 16.93
C LEU A 196 1.15 -6.96 17.68
N MET A 197 0.21 -7.88 17.43
CA MET A 197 -1.13 -7.84 18.03
C MET A 197 -1.89 -9.14 17.89
N TYR A 198 -3.02 -9.32 18.57
CA TYR A 198 -3.86 -10.53 18.46
C TYR A 198 -3.03 -11.80 18.70
N ALA A 199 -3.35 -12.94 18.10
CA ALA A 199 -2.62 -14.19 18.29
C ALA A 199 -1.61 -14.31 17.15
N ASP A 200 -0.32 -14.33 17.48
CA ASP A 200 0.77 -14.27 16.53
C ASP A 200 1.02 -15.63 15.91
N VAL A 201 0.93 -15.74 14.60
CA VAL A 201 1.14 -17.04 13.96
C VAL A 201 2.61 -17.48 14.03
N ASP A 202 2.77 -18.77 14.31
CA ASP A 202 4.12 -19.36 14.35
C ASP A 202 4.56 -19.93 13.01
N TYR A 203 5.37 -19.20 12.26
CA TYR A 203 5.85 -19.67 10.97
C TYR A 203 7.05 -20.61 11.06
N ASP A 204 7.35 -21.11 12.24
CA ASP A 204 8.30 -22.20 12.42
C ASP A 204 7.49 -23.52 12.36
N HIS A 205 6.17 -23.45 12.49
CA HIS A 205 5.35 -24.71 12.58
C HIS A 205 5.07 -25.20 11.18
N PRO A 206 5.55 -26.38 10.83
CA PRO A 206 5.46 -26.89 9.47
C PRO A 206 4.06 -27.07 8.94
N ASP A 207 3.09 -27.43 9.77
CA ASP A 207 1.71 -27.54 9.25
C ASP A 207 1.15 -26.14 8.92
N VAL A 208 1.52 -25.17 9.74
CA VAL A 208 1.05 -23.80 9.50
C VAL A 208 1.63 -23.32 8.17
N VAL A 209 2.92 -23.56 7.96
CA VAL A 209 3.56 -23.12 6.70
C VAL A 209 2.85 -23.74 5.49
N ALA A 210 2.65 -25.06 5.60
CA ALA A 210 1.96 -25.79 4.53
C ALA A 210 0.54 -25.31 4.30
N GLU A 211 -0.24 -25.11 5.35
CA GLU A 211 -1.62 -24.64 5.16
C GLU A 211 -1.71 -23.23 4.59
N THR A 212 -0.81 -22.35 5.03
CA THR A 212 -0.82 -20.97 4.56
C THR A 212 -0.50 -20.90 3.08
N LYS A 213 0.40 -21.77 2.60
CA LYS A 213 0.71 -21.80 1.16
C LYS A 213 -0.52 -22.29 0.41
N LYS A 214 -1.19 -23.30 0.95
CA LYS A 214 -2.42 -23.83 0.32
C LYS A 214 -3.51 -22.75 0.23
N TRP A 215 -3.63 -21.97 1.31
CA TRP A 215 -4.64 -20.90 1.28
C TRP A 215 -4.31 -19.87 0.22
N GLY A 216 -3.02 -19.53 0.09
CA GLY A 216 -2.57 -18.50 -0.84
C GLY A 216 -2.97 -18.85 -2.27
N ILE A 217 -2.74 -20.11 -2.60
CA ILE A 217 -3.10 -20.66 -3.91
C ILE A 217 -4.61 -20.67 -4.04
N TRP A 218 -5.33 -21.14 -3.03
CA TRP A 218 -6.80 -21.15 -3.11
C TRP A 218 -7.39 -19.77 -3.36
N TYR A 219 -6.89 -18.78 -2.63
CA TYR A 219 -7.36 -17.39 -2.68
C TYR A 219 -7.10 -16.76 -4.04
N ALA A 220 -5.89 -16.92 -4.55
CA ALA A 220 -5.58 -16.40 -5.89
C ALA A 220 -6.49 -17.05 -6.96
N ASN A 221 -6.73 -18.36 -6.81
CA ASN A 221 -7.59 -19.06 -7.76
C ASN A 221 -9.07 -18.73 -7.62
N GLU A 222 -9.61 -18.67 -6.42
CA GLU A 222 -11.04 -18.39 -6.20
C GLU A 222 -11.47 -17.03 -6.72
N LEU A 223 -10.61 -16.02 -6.53
CA LEU A 223 -10.94 -14.68 -6.98
C LEU A 223 -10.24 -14.28 -8.28
N SER A 224 -9.45 -15.12 -8.92
CA SER A 224 -8.68 -14.76 -10.09
C SER A 224 -7.82 -13.51 -9.89
N LEU A 225 -7.11 -13.45 -8.74
CA LEU A 225 -6.27 -12.29 -8.46
C LEU A 225 -5.02 -12.22 -9.33
N ASP A 226 -4.50 -11.02 -9.52
CA ASP A 226 -3.33 -10.78 -10.33
C ASP A 226 -2.11 -10.39 -9.49
N GLY A 227 -2.29 -10.27 -8.19
CA GLY A 227 -1.15 -9.89 -7.34
C GLY A 227 -1.58 -9.72 -5.88
N PHE A 228 -0.63 -9.25 -5.08
CA PHE A 228 -0.92 -9.10 -3.65
C PHE A 228 -0.27 -7.89 -3.01
N ARG A 229 -0.81 -7.46 -1.90
CA ARG A 229 -0.20 -6.44 -1.05
C ARG A 229 0.02 -7.17 0.30
N ILE A 230 1.26 -7.31 0.76
CA ILE A 230 1.52 -8.08 1.98
C ILE A 230 1.49 -7.18 3.21
N ASP A 231 0.57 -7.46 4.14
CA ASP A 231 0.45 -6.65 5.35
C ASP A 231 1.53 -6.97 6.38
N ALA A 232 2.00 -5.94 7.06
CA ALA A 232 2.86 -6.14 8.24
C ALA A 232 4.08 -7.00 7.98
N ALA A 233 4.79 -6.74 6.88
CA ALA A 233 5.91 -7.59 6.49
C ALA A 233 7.07 -7.57 7.44
N LYS A 234 7.28 -6.52 8.24
CA LYS A 234 8.37 -6.49 9.21
C LYS A 234 8.18 -7.52 10.32
N HIS A 235 6.97 -8.04 10.49
CA HIS A 235 6.62 -8.92 11.60
C HIS A 235 6.43 -10.39 11.22
N ILE A 236 6.77 -10.75 10.01
CA ILE A 236 6.65 -12.11 9.50
C ILE A 236 7.97 -12.61 8.93
N LYS A 237 8.41 -13.79 9.37
CA LYS A 237 9.64 -14.43 8.90
C LYS A 237 9.92 -14.16 7.43
N PHE A 238 11.03 -13.49 7.13
CA PHE A 238 11.30 -13.05 5.77
C PHE A 238 11.42 -14.21 4.78
N SER A 239 12.09 -15.29 5.16
CA SER A 239 12.24 -16.40 4.20
C SER A 239 10.89 -17.07 3.92
N PHE A 240 9.96 -16.99 4.88
CA PHE A 240 8.63 -17.56 4.63
C PHE A 240 7.93 -16.69 3.59
N LEU A 241 7.99 -15.37 3.73
CA LEU A 241 7.31 -14.51 2.76
C LEU A 241 7.90 -14.71 1.36
N ARG A 242 9.22 -14.84 1.31
CA ARG A 242 9.86 -15.11 0.03
C ARG A 242 9.29 -16.39 -0.57
N ASP A 243 9.28 -17.47 0.21
CA ASP A 243 8.81 -18.76 -0.30
C ASP A 243 7.31 -18.83 -0.59
N TRP A 244 6.49 -18.13 0.19
CA TRP A 244 5.05 -18.16 -0.02
C TRP A 244 4.71 -17.53 -1.38
N VAL A 245 5.30 -16.36 -1.64
CA VAL A 245 5.07 -15.71 -2.94
C VAL A 245 5.50 -16.65 -4.08
N GLN A 246 6.68 -17.25 -3.95
CA GLN A 246 7.16 -18.18 -4.99
C GLN A 246 6.21 -19.34 -5.22
N ALA A 247 5.64 -19.93 -4.16
CA ALA A 247 4.71 -21.05 -4.28
C ALA A 247 3.43 -20.67 -5.01
N VAL A 248 2.89 -19.48 -4.74
CA VAL A 248 1.67 -19.10 -5.48
C VAL A 248 1.98 -18.88 -6.96
N ARG A 249 3.10 -18.25 -7.25
CA ARG A 249 3.51 -18.00 -8.64
C ARG A 249 3.70 -19.33 -9.38
N GLN A 250 4.40 -20.24 -8.71
CA GLN A 250 4.64 -21.58 -9.30
C GLN A 250 3.34 -22.32 -9.59
N ALA A 251 2.40 -22.32 -8.65
CA ALA A 251 1.15 -23.03 -8.85
C ALA A 251 0.21 -22.39 -9.86
N THR A 252 0.12 -21.07 -9.98
CA THR A 252 -0.81 -20.43 -10.90
C THR A 252 -0.20 -20.17 -12.28
N GLY A 253 1.12 -20.10 -12.36
CA GLY A 253 1.77 -19.78 -13.63
C GLY A 253 1.70 -18.27 -13.91
N LYS A 254 1.22 -17.47 -12.98
CA LYS A 254 1.05 -16.03 -13.21
C LYS A 254 2.19 -15.21 -12.59
N GLU A 255 2.36 -13.99 -13.07
CA GLU A 255 3.40 -13.09 -12.57
C GLU A 255 3.19 -12.76 -11.08
N MET A 256 1.95 -12.54 -10.71
CA MET A 256 1.59 -12.20 -9.34
C MET A 256 2.47 -11.10 -8.75
N PHE A 257 2.40 -9.90 -9.33
CA PHE A 257 3.14 -8.76 -8.79
C PHE A 257 2.86 -8.70 -7.27
N THR A 258 3.86 -8.41 -6.45
CA THR A 258 3.62 -8.32 -5.00
C THR A 258 4.36 -7.13 -4.42
N VAL A 259 3.68 -6.40 -3.56
CA VAL A 259 4.32 -5.27 -2.85
C VAL A 259 4.13 -5.51 -1.37
N ALA A 260 5.21 -5.37 -0.58
CA ALA A 260 5.14 -5.61 0.86
C ALA A 260 5.16 -4.29 1.62
N GLU A 261 4.33 -4.20 2.67
CA GLU A 261 4.33 -3.05 3.54
C GLU A 261 5.39 -3.31 4.63
N TYR A 262 6.55 -2.68 4.54
CA TYR A 262 7.60 -2.75 5.55
C TYR A 262 7.71 -1.32 6.11
N TRP A 263 7.03 -1.06 7.22
CA TRP A 263 6.92 0.35 7.67
C TRP A 263 8.14 0.82 8.43
N GLN A 264 9.06 1.50 7.75
CA GLN A 264 10.25 2.02 8.40
C GLN A 264 10.83 3.17 7.57
N ASN A 265 11.12 4.28 8.23
CA ASN A 265 11.67 5.43 7.49
C ASN A 265 13.19 5.30 7.45
N ASN A 266 13.68 4.27 6.77
CA ASN A 266 15.11 3.96 6.69
C ASN A 266 15.36 3.06 5.49
N ALA A 267 15.96 3.64 4.44
CA ALA A 267 16.19 2.87 3.23
C ALA A 267 17.09 1.66 3.44
N GLY A 268 18.07 1.76 4.32
CA GLY A 268 18.97 0.64 4.56
C GLY A 268 18.22 -0.60 5.06
N LYS A 269 17.26 -0.42 5.96
CA LYS A 269 16.51 -1.56 6.49
C LYS A 269 15.57 -2.13 5.42
N LEU A 270 15.04 -1.24 4.57
CA LEU A 270 14.21 -1.72 3.46
C LEU A 270 15.06 -2.51 2.47
N GLU A 271 16.29 -2.05 2.23
CA GLU A 271 17.19 -2.82 1.35
C GLU A 271 17.51 -4.19 1.91
N ASN A 272 17.69 -4.35 3.21
CA ASN A 272 17.89 -5.65 3.83
C ASN A 272 16.70 -6.55 3.50
N TYR A 273 15.48 -6.02 3.63
CA TYR A 273 14.28 -6.83 3.32
C TYR A 273 14.31 -7.30 1.87
N LEU A 274 14.65 -6.41 0.93
CA LEU A 274 14.75 -6.79 -0.48
C LEU A 274 15.78 -7.91 -0.67
N ASN A 275 16.95 -7.74 -0.06
CA ASN A 275 17.97 -8.80 -0.19
C ASN A 275 17.46 -10.12 0.38
N LYS A 276 16.87 -10.09 1.56
CA LYS A 276 16.40 -11.32 2.21
C LYS A 276 15.25 -12.00 1.48
N THR A 277 14.57 -11.26 0.60
CA THR A 277 13.49 -11.85 -0.18
C THR A 277 13.90 -12.06 -1.63
N SER A 278 15.20 -12.03 -1.91
CA SER A 278 15.73 -12.23 -3.25
C SER A 278 15.21 -11.27 -4.31
N PHE A 279 14.85 -10.05 -3.92
CA PHE A 279 14.36 -9.06 -4.86
C PHE A 279 13.17 -9.60 -5.63
N ASN A 280 12.37 -10.48 -5.01
CA ASN A 280 11.22 -11.05 -5.69
C ASN A 280 9.94 -10.25 -5.44
N GLN A 281 10.02 -9.13 -4.74
CA GLN A 281 8.82 -8.33 -4.49
C GLN A 281 9.23 -6.88 -4.27
N SER A 282 8.29 -5.96 -4.41
CA SER A 282 8.60 -4.54 -4.23
C SER A 282 8.23 -4.15 -2.80
N VAL A 283 8.60 -2.94 -2.40
CA VAL A 283 8.22 -2.41 -1.11
C VAL A 283 7.62 -1.01 -1.33
N PHE A 284 6.81 -0.55 -0.38
CA PHE A 284 6.31 0.83 -0.46
C PHE A 284 7.47 1.76 -0.06
N ASP A 285 7.60 2.90 -0.76
CA ASP A 285 8.70 3.82 -0.46
C ASP A 285 8.31 4.73 0.71
N VAL A 286 8.48 4.17 1.91
CA VAL A 286 8.13 4.91 3.14
C VAL A 286 8.91 6.21 3.28
N PRO A 287 10.22 6.22 3.05
CA PRO A 287 11.03 7.42 3.16
C PRO A 287 10.58 8.54 2.23
N LEU A 288 10.15 8.19 1.02
CA LEU A 288 9.64 9.24 0.12
C LEU A 288 8.34 9.85 0.66
N HIS A 289 7.47 9.06 1.29
CA HIS A 289 6.26 9.62 1.90
C HIS A 289 6.65 10.68 2.93
N PHE A 290 7.63 10.36 3.79
CA PHE A 290 8.07 11.30 4.82
C PHE A 290 8.79 12.53 4.25
N ASN A 291 9.50 12.41 3.14
CA ASN A 291 10.12 13.59 2.53
C ASN A 291 9.01 14.48 1.99
N LEU A 292 8.01 13.91 1.32
CA LEU A 292 6.90 14.72 0.81
C LEU A 292 6.14 15.39 1.94
N GLN A 293 5.89 14.66 3.03
CA GLN A 293 5.19 15.25 4.16
C GLN A 293 5.98 16.40 4.77
N ALA A 294 7.29 16.24 4.90
CA ALA A 294 8.16 17.29 5.44
C ALA A 294 8.10 18.55 4.58
N ALA A 295 8.23 18.38 3.26
CA ALA A 295 8.15 19.50 2.35
C ALA A 295 6.80 20.21 2.50
N SER A 296 5.72 19.43 2.64
CA SER A 296 4.40 20.05 2.75
C SER A 296 4.17 20.79 4.06
N SER A 297 5.00 20.55 5.07
CA SER A 297 4.70 21.13 6.37
C SER A 297 5.70 22.20 6.81
N GLN A 298 6.68 22.54 5.99
CA GLN A 298 7.67 23.52 6.41
C GLN A 298 7.45 24.91 5.84
N GLY A 299 6.29 25.20 5.29
CA GLY A 299 5.92 26.50 4.79
C GLY A 299 6.87 27.14 3.80
N GLY A 300 7.57 26.35 2.98
CA GLY A 300 8.49 26.88 2.00
C GLY A 300 9.95 26.74 2.38
N GLY A 301 10.24 26.39 3.63
CA GLY A 301 11.59 26.27 4.13
C GLY A 301 12.32 24.98 3.84
N TYR A 302 11.63 23.97 3.32
CA TYR A 302 12.30 22.72 2.96
C TYR A 302 13.19 22.94 1.74
N ASP A 303 14.35 22.28 1.67
CA ASP A 303 15.21 22.40 0.50
C ASP A 303 14.77 21.36 -0.54
N MET A 304 14.01 21.83 -1.52
CA MET A 304 13.45 20.94 -2.53
C MET A 304 14.50 20.14 -3.29
N ARG A 305 15.78 20.53 -3.26
CA ARG A 305 16.77 19.72 -3.96
C ARG A 305 16.97 18.34 -3.31
N LYS A 306 16.56 18.21 -2.06
CA LYS A 306 16.70 17.01 -1.26
C LYS A 306 15.55 16.04 -1.24
N LEU A 307 14.54 16.22 -2.09
CA LEU A 307 13.37 15.34 -2.07
C LEU A 307 13.69 13.87 -2.27
N LEU A 308 14.70 13.55 -3.05
CA LEU A 308 15.03 12.13 -3.32
C LEU A 308 16.04 11.54 -2.35
N ASN A 309 16.63 12.33 -1.48
CA ASN A 309 17.61 11.84 -0.51
C ASN A 309 17.08 10.76 0.43
N GLY A 310 17.79 9.64 0.53
CA GLY A 310 17.37 8.56 1.41
C GLY A 310 16.16 7.76 0.98
N THR A 311 15.64 7.94 -0.25
CA THR A 311 14.46 7.21 -0.69
C THR A 311 14.78 5.87 -1.36
N VAL A 312 13.83 4.94 -1.36
CA VAL A 312 14.04 3.64 -2.00
C VAL A 312 14.06 3.83 -3.52
N VAL A 313 13.22 4.75 -4.01
CA VAL A 313 13.16 4.94 -5.47
C VAL A 313 14.45 5.44 -6.09
N SER A 314 15.28 6.17 -5.33
CA SER A 314 16.55 6.63 -5.88
C SER A 314 17.57 5.50 -5.99
N LYS A 315 17.43 4.41 -5.28
CA LYS A 315 18.41 3.32 -5.32
C LYS A 315 17.88 2.06 -6.02
N HIS A 316 16.60 1.78 -5.82
CA HIS A 316 15.97 0.57 -6.40
C HIS A 316 14.66 0.96 -7.09
N PRO A 317 14.74 1.63 -8.21
CA PRO A 317 13.59 2.19 -8.91
C PRO A 317 12.61 1.14 -9.38
N LEU A 318 13.07 -0.06 -9.73
CA LEU A 318 12.15 -1.09 -10.21
C LEU A 318 11.50 -1.89 -9.08
N LYS A 319 11.86 -1.60 -7.84
CA LYS A 319 11.30 -2.36 -6.72
C LYS A 319 10.58 -1.44 -5.74
N SER A 320 10.24 -0.24 -6.18
CA SER A 320 9.56 0.71 -5.32
C SER A 320 8.12 1.03 -5.71
N VAL A 321 7.22 1.06 -4.74
CA VAL A 321 5.84 1.49 -5.03
C VAL A 321 5.74 2.85 -4.31
N THR A 322 5.60 3.92 -5.07
CA THR A 322 5.57 5.27 -4.50
C THR A 322 4.14 5.66 -4.15
N PHE A 323 3.97 6.42 -3.05
CA PHE A 323 2.64 6.83 -2.62
C PHE A 323 2.70 8.15 -1.87
N VAL A 324 1.56 8.84 -1.83
CA VAL A 324 1.47 10.12 -1.11
C VAL A 324 0.87 9.89 0.27
N ASP A 325 -0.28 9.21 0.37
CA ASP A 325 -0.88 8.92 1.66
C ASP A 325 -1.65 7.58 1.59
N ASN A 326 -2.04 7.00 2.72
CA ASN A 326 -2.81 5.75 2.69
C ASN A 326 -3.74 5.67 3.88
N HIS A 327 -4.37 4.53 4.16
CA HIS A 327 -5.38 4.38 5.20
C HIS A 327 -4.79 4.49 6.60
N ASP A 328 -3.47 4.40 6.70
CA ASP A 328 -2.82 4.53 8.03
C ASP A 328 -2.29 5.94 8.22
N THR A 329 -1.96 6.66 7.13
CA THR A 329 -1.38 8.01 7.34
C THR A 329 -2.43 9.11 7.30
N GLN A 330 -3.67 8.77 6.94
CA GLN A 330 -4.76 9.75 6.89
C GLN A 330 -5.09 10.21 8.30
N PRO A 331 -5.79 11.34 8.45
CA PRO A 331 -6.10 11.94 9.71
C PRO A 331 -6.81 10.99 10.68
N GLY A 332 -6.28 10.98 11.90
CA GLY A 332 -6.80 10.18 13.00
C GLY A 332 -6.29 8.74 13.05
N GLN A 333 -5.50 8.30 12.08
CA GLN A 333 -5.09 6.90 12.05
C GLN A 333 -3.73 6.63 12.64
N SER A 334 -3.38 5.34 12.75
CA SER A 334 -2.20 4.92 13.49
C SER A 334 -0.85 5.46 13.09
N LEU A 335 -0.66 5.80 11.83
CA LEU A 335 0.62 6.30 11.33
C LEU A 335 0.43 7.72 10.79
N GLU A 336 -0.53 8.43 11.38
CA GLU A 336 -0.91 9.75 10.93
C GLU A 336 0.29 10.60 10.56
N SER A 337 0.34 11.04 9.30
CA SER A 337 1.44 11.86 8.80
C SER A 337 1.01 12.32 7.40
N THR A 338 -0.12 13.03 7.39
CA THR A 338 -0.74 13.45 6.14
C THR A 338 0.01 14.54 5.39
N VAL A 339 0.09 14.41 4.09
CA VAL A 339 0.70 15.43 3.23
C VAL A 339 -0.34 16.55 3.16
N GLN A 340 0.00 17.78 3.53
CA GLN A 340 -0.96 18.88 3.56
C GLN A 340 -1.61 19.11 2.20
N THR A 341 -2.89 19.47 2.21
CA THR A 341 -3.66 19.65 0.99
C THR A 341 -3.04 20.55 -0.06
N TRP A 342 -2.50 21.71 0.29
CA TRP A 342 -1.93 22.59 -0.73
C TRP A 342 -0.83 21.88 -1.51
N PHE A 343 -0.08 20.99 -0.84
CA PHE A 343 1.05 20.35 -1.55
C PHE A 343 0.66 19.07 -2.25
N LYS A 344 -0.51 18.53 -1.96
CA LYS A 344 -0.89 17.20 -2.49
C LYS A 344 -0.82 17.08 -4.00
N PRO A 345 -1.28 18.05 -4.76
CA PRO A 345 -1.19 17.99 -6.22
C PRO A 345 0.26 18.01 -6.68
N LEU A 346 1.18 18.70 -6.01
CA LEU A 346 2.59 18.73 -6.34
C LEU A 346 3.20 17.35 -6.05
N ALA A 347 2.83 16.74 -4.92
CA ALA A 347 3.28 15.38 -4.61
C ALA A 347 2.78 14.37 -5.64
N TYR A 348 1.54 14.47 -6.12
CA TYR A 348 1.03 13.56 -7.14
C TYR A 348 1.77 13.79 -8.46
N ALA A 349 2.11 15.06 -8.77
CA ALA A 349 2.87 15.27 -10.03
C ALA A 349 4.23 14.56 -9.91
N PHE A 350 4.84 14.63 -8.73
CA PHE A 350 6.17 14.02 -8.53
C PHE A 350 6.11 12.51 -8.70
N ILE A 351 5.12 11.81 -8.13
CA ILE A 351 5.13 10.35 -8.32
C ILE A 351 4.49 9.90 -9.62
N LEU A 352 3.62 10.64 -10.25
CA LEU A 352 2.94 10.16 -11.47
C LEU A 352 3.67 10.56 -12.76
N THR A 353 4.47 11.62 -12.78
CA THR A 353 5.07 11.98 -14.08
C THR A 353 6.54 11.69 -14.22
N ARG A 354 7.19 11.12 -13.20
CA ARG A 354 8.60 10.75 -13.26
C ARG A 354 8.76 9.31 -13.75
N GLU A 355 9.93 8.97 -14.33
CA GLU A 355 10.06 7.63 -14.90
C GLU A 355 10.22 6.48 -13.92
N SER A 356 10.73 6.71 -12.71
CA SER A 356 10.99 5.60 -11.79
C SER A 356 9.87 5.41 -10.76
N GLY A 357 9.69 4.18 -10.30
CA GLY A 357 8.65 3.88 -9.34
C GLY A 357 7.33 3.49 -10.01
N TYR A 358 6.53 2.72 -9.28
CA TYR A 358 5.18 2.31 -9.68
C TYR A 358 4.27 3.07 -8.71
N PRO A 359 3.58 4.10 -9.16
CA PRO A 359 2.84 4.98 -8.28
C PRO A 359 1.48 4.46 -7.89
N GLN A 360 1.07 4.85 -6.68
CA GLN A 360 -0.21 4.47 -6.12
C GLN A 360 -1.05 5.72 -5.84
N VAL A 361 -2.28 5.76 -6.30
CA VAL A 361 -3.21 6.83 -5.98
C VAL A 361 -4.08 6.38 -4.82
N PHE A 362 -4.39 7.23 -3.84
CA PHE A 362 -5.22 6.83 -2.70
C PHE A 362 -6.68 7.21 -2.83
N TYR A 363 -7.59 6.25 -2.60
CA TYR A 363 -9.03 6.50 -2.66
C TYR A 363 -9.43 7.76 -1.88
N GLY A 364 -8.88 7.87 -0.67
CA GLY A 364 -9.16 8.97 0.26
C GLY A 364 -8.78 10.31 -0.36
N ASP A 365 -7.74 10.37 -1.19
CA ASP A 365 -7.35 11.63 -1.82
C ASP A 365 -8.27 11.97 -3.00
N MET A 366 -8.76 10.96 -3.72
CA MET A 366 -9.64 11.18 -4.85
C MET A 366 -11.03 11.62 -4.40
N TYR A 367 -11.61 10.85 -3.48
CA TYR A 367 -12.97 11.05 -3.06
C TYR A 367 -13.21 11.68 -1.69
N GLY A 368 -12.14 12.00 -0.97
CA GLY A 368 -12.26 12.56 0.37
C GLY A 368 -12.35 11.46 1.43
N THR A 369 -12.00 11.81 2.66
CA THR A 369 -12.08 10.88 3.78
C THR A 369 -13.33 11.22 4.62
N LYS A 370 -13.88 10.17 5.26
CA LYS A 370 -15.14 10.40 5.98
C LYS A 370 -15.02 10.14 7.47
N GLY A 371 -13.86 10.47 8.01
CA GLY A 371 -13.59 10.41 9.43
C GLY A 371 -14.26 11.59 10.17
N ASP A 372 -14.09 11.63 11.49
CA ASP A 372 -14.82 12.65 12.25
C ASP A 372 -14.00 13.81 12.77
N SER A 373 -12.87 14.13 12.17
CA SER A 373 -12.08 15.28 12.60
C SER A 373 -12.47 16.52 11.79
N GLN A 374 -11.87 17.64 12.15
CA GLN A 374 -12.10 18.90 11.45
C GLN A 374 -11.00 19.09 10.42
N ARG A 375 -10.27 18.00 10.14
CA ARG A 375 -9.17 18.11 9.17
C ARG A 375 -9.16 16.94 8.20
N GLU A 376 -10.34 16.46 7.81
CA GLU A 376 -10.42 15.35 6.84
C GLU A 376 -9.84 15.78 5.50
N ILE A 377 -9.43 14.81 4.68
CA ILE A 377 -8.91 15.14 3.35
C ILE A 377 -10.12 15.41 2.46
N PRO A 378 -10.15 16.55 1.78
CA PRO A 378 -11.25 16.90 0.87
C PRO A 378 -11.12 16.10 -0.42
N ALA A 379 -12.19 15.96 -1.21
CA ALA A 379 -12.08 15.21 -2.46
C ALA A 379 -11.25 15.99 -3.48
N LEU A 380 -10.13 15.45 -3.95
CA LEU A 380 -9.27 16.17 -4.88
C LEU A 380 -9.23 15.59 -6.28
N LYS A 381 -10.22 14.76 -6.60
CA LYS A 381 -10.25 14.13 -7.92
C LYS A 381 -10.13 15.17 -9.02
N HIS A 382 -10.73 16.35 -8.90
CA HIS A 382 -10.64 17.33 -9.99
C HIS A 382 -9.22 17.84 -10.20
N LYS A 383 -8.35 17.79 -9.19
CA LYS A 383 -6.97 18.19 -9.30
C LYS A 383 -6.03 17.06 -9.69
N ILE A 384 -6.44 15.83 -9.34
CA ILE A 384 -5.56 14.69 -9.62
C ILE A 384 -5.80 14.14 -11.01
N GLU A 385 -7.04 14.18 -11.51
CA GLU A 385 -7.35 13.56 -12.80
C GLU A 385 -6.55 14.11 -13.96
N PRO A 386 -6.26 15.41 -14.04
CA PRO A 386 -5.43 15.98 -15.09
C PRO A 386 -3.98 15.47 -14.98
N ILE A 387 -3.54 15.16 -13.77
CA ILE A 387 -2.18 14.62 -13.59
C ILE A 387 -2.13 13.15 -14.03
N LEU A 388 -3.17 12.38 -13.76
CA LEU A 388 -3.27 10.99 -14.25
C LEU A 388 -3.33 10.97 -15.77
N LYS A 389 -3.98 11.98 -16.35
CA LYS A 389 -4.02 12.04 -17.84
C LYS A 389 -2.62 12.31 -18.37
N ALA A 390 -1.86 13.16 -17.65
CA ALA A 390 -0.48 13.44 -18.03
C ALA A 390 0.33 12.14 -17.96
N ARG A 391 0.15 11.31 -16.93
CA ARG A 391 0.87 10.03 -16.89
C ARG A 391 0.42 9.12 -18.03
N LYS A 392 -0.88 8.95 -18.22
CA LYS A 392 -1.41 8.02 -19.22
C LYS A 392 -0.96 8.33 -20.65
N GLN A 393 -1.01 9.61 -21.01
CA GLN A 393 -0.76 9.99 -22.40
C GLN A 393 0.54 10.73 -22.66
N TYR A 394 1.15 11.38 -21.67
CA TYR A 394 2.32 12.21 -22.01
C TYR A 394 3.63 11.85 -21.34
N ALA A 395 3.61 11.11 -20.24
CA ALA A 395 4.88 10.88 -19.51
C ALA A 395 5.66 9.71 -20.09
N TYR A 396 6.33 9.95 -21.23
CA TYR A 396 7.10 8.93 -21.91
C TYR A 396 8.43 9.47 -22.42
N GLY A 397 9.41 8.57 -22.57
CA GLY A 397 10.71 8.98 -23.11
C GLY A 397 11.72 9.45 -22.07
N ALA A 398 12.86 9.91 -22.58
CA ALA A 398 13.99 10.32 -21.74
C ALA A 398 13.64 11.42 -20.76
N GLN A 399 14.20 11.35 -19.56
CA GLN A 399 13.89 12.36 -18.52
C GLN A 399 15.10 13.21 -18.19
N HIS A 400 14.93 14.51 -17.97
CA HIS A 400 16.00 15.40 -17.60
C HIS A 400 15.57 16.04 -16.26
N ASP A 401 16.45 16.01 -15.27
CA ASP A 401 16.11 16.55 -13.96
C ASP A 401 16.72 17.92 -13.69
N TYR A 402 15.95 18.77 -13.01
CA TYR A 402 16.41 20.11 -12.64
C TYR A 402 16.13 20.35 -11.16
N PHE A 403 16.92 19.74 -10.28
CA PHE A 403 16.82 19.91 -8.83
C PHE A 403 17.94 20.88 -8.43
N ASP A 404 17.77 22.13 -8.85
CA ASP A 404 18.83 23.11 -8.71
C ASP A 404 18.43 24.40 -7.99
N HIS A 405 17.36 24.34 -7.21
CA HIS A 405 16.93 25.53 -6.47
C HIS A 405 16.21 25.06 -5.21
N HIS A 406 16.26 25.78 -4.11
CA HIS A 406 15.65 25.33 -2.87
C HIS A 406 14.13 25.37 -2.84
N ASP A 407 13.50 26.01 -3.82
CA ASP A 407 12.05 26.09 -3.91
C ASP A 407 11.49 25.51 -5.21
N ILE A 408 12.01 25.97 -6.33
CA ILE A 408 11.51 25.58 -7.66
C ILE A 408 12.33 24.46 -8.29
N VAL A 409 11.69 23.29 -8.40
CA VAL A 409 12.44 22.18 -9.04
C VAL A 409 11.54 21.65 -10.17
N GLY A 410 12.14 20.98 -11.13
CA GLY A 410 11.37 20.48 -12.27
C GLY A 410 12.06 19.34 -12.98
N TRP A 411 11.33 18.75 -13.95
CA TRP A 411 11.87 17.66 -14.76
C TRP A 411 11.12 17.68 -16.08
N THR A 412 11.71 17.07 -17.11
CA THR A 412 11.04 16.98 -18.40
C THR A 412 11.07 15.52 -18.88
N ARG A 413 10.22 15.21 -19.85
CA ARG A 413 10.14 13.93 -20.53
C ARG A 413 10.10 14.28 -22.03
N GLU A 414 11.02 13.76 -22.83
CA GLU A 414 11.11 14.14 -24.24
C GLU A 414 9.96 13.60 -25.08
N GLY A 415 9.30 12.56 -24.63
CA GLY A 415 8.26 11.89 -25.39
C GLY A 415 8.86 10.67 -26.11
N ASP A 416 8.00 9.84 -26.64
CA ASP A 416 8.41 8.64 -27.40
C ASP A 416 7.69 8.70 -28.74
N SER A 417 8.38 8.43 -29.84
CA SER A 417 7.74 8.53 -31.15
C SER A 417 6.59 7.56 -31.31
N SER A 418 6.45 6.55 -30.44
CA SER A 418 5.33 5.62 -30.57
C SER A 418 4.09 6.03 -29.80
N VAL A 419 4.15 7.13 -29.04
CA VAL A 419 2.95 7.63 -28.34
C VAL A 419 2.84 9.07 -28.88
N ALA A 420 1.92 9.28 -29.80
CA ALA A 420 1.77 10.55 -30.47
C ALA A 420 1.63 11.73 -29.51
N ASN A 421 2.34 12.82 -29.79
CA ASN A 421 2.29 14.03 -28.99
C ASN A 421 2.71 13.83 -27.53
N SER A 422 3.46 12.79 -27.21
CA SER A 422 3.93 12.61 -25.83
C SER A 422 5.07 13.57 -25.55
N GLY A 423 5.39 13.74 -24.26
CA GLY A 423 6.41 14.67 -23.82
C GLY A 423 5.75 15.66 -22.83
N LEU A 424 6.50 16.08 -21.81
CA LEU A 424 5.96 17.01 -20.83
C LEU A 424 7.10 17.76 -20.13
N ALA A 425 6.71 18.87 -19.48
CA ALA A 425 7.62 19.67 -18.68
C ALA A 425 6.90 20.01 -17.38
N ALA A 426 7.43 19.52 -16.25
CA ALA A 426 6.75 19.72 -14.97
C ALA A 426 7.59 20.61 -14.06
N LEU A 427 6.93 21.50 -13.33
CA LEU A 427 7.56 22.36 -12.35
C LEU A 427 6.71 22.38 -11.08
N ILE A 428 7.37 22.27 -9.94
CA ILE A 428 6.68 22.39 -8.66
C ILE A 428 7.46 23.38 -7.78
N THR A 429 6.79 24.01 -6.82
CA THR A 429 7.51 24.91 -5.92
C THR A 429 6.84 24.91 -4.55
N ASP A 430 7.66 24.86 -3.48
CA ASP A 430 7.06 24.94 -2.15
C ASP A 430 7.04 26.39 -1.68
N GLY A 431 7.41 27.32 -2.54
CA GLY A 431 7.50 28.74 -2.16
C GLY A 431 6.98 29.62 -3.30
N PRO A 432 7.49 30.84 -3.44
CA PRO A 432 7.08 31.78 -4.46
C PRO A 432 7.30 31.15 -5.82
N GLY A 433 6.54 31.61 -6.81
CA GLY A 433 6.63 31.09 -8.15
C GLY A 433 7.79 31.71 -8.93
N GLY A 434 7.90 31.32 -10.19
CA GLY A 434 9.00 31.83 -11.01
C GLY A 434 9.15 30.97 -12.26
N ALA A 435 10.32 31.01 -12.88
CA ALA A 435 10.55 30.28 -14.10
C ALA A 435 11.83 29.46 -14.15
N LYS A 436 11.91 28.60 -15.17
CA LYS A 436 13.09 27.75 -15.32
C LYS A 436 13.18 27.36 -16.79
N ARG A 437 14.39 27.44 -17.33
CA ARG A 437 14.66 27.03 -18.69
C ARG A 437 14.93 25.53 -18.64
N MET A 438 14.19 24.75 -19.42
CA MET A 438 14.45 23.30 -19.38
C MET A 438 14.44 22.71 -20.77
N TYR A 439 15.17 21.61 -20.95
CA TYR A 439 15.27 20.95 -22.26
C TYR A 439 14.26 19.83 -22.44
N VAL A 440 13.49 19.88 -23.53
CA VAL A 440 12.46 18.89 -23.80
C VAL A 440 12.76 18.07 -25.05
N GLY A 441 13.89 18.32 -25.70
CA GLY A 441 14.20 17.51 -26.87
C GLY A 441 14.04 18.33 -28.15
N ARG A 442 15.10 18.29 -28.98
CA ARG A 442 15.06 19.04 -30.22
C ARG A 442 13.94 18.59 -31.13
N GLN A 443 13.45 17.37 -30.96
CA GLN A 443 12.37 16.86 -31.81
C GLN A 443 11.04 17.57 -31.51
N ASN A 444 10.98 18.35 -30.43
CA ASN A 444 9.75 19.09 -30.12
C ASN A 444 9.86 20.58 -30.43
N ALA A 445 10.93 20.95 -31.15
CA ALA A 445 11.16 22.35 -31.50
C ALA A 445 9.96 22.97 -32.22
N GLY A 446 9.66 24.20 -31.87
CA GLY A 446 8.60 25.01 -32.40
C GLY A 446 7.19 24.65 -32.01
N GLU A 447 6.98 23.75 -31.04
CA GLU A 447 5.62 23.37 -30.71
C GLU A 447 5.05 24.30 -29.62
N THR A 448 3.73 24.43 -29.61
CA THR A 448 3.06 25.21 -28.59
C THR A 448 2.65 24.28 -27.45
N TRP A 449 3.21 24.46 -26.28
CA TRP A 449 2.84 23.66 -25.11
C TRP A 449 2.03 24.46 -24.10
N HIS A 450 1.10 23.82 -23.37
CA HIS A 450 0.27 24.49 -22.40
C HIS A 450 0.12 23.70 -21.10
N ASP A 451 -0.24 24.36 -20.02
CA ASP A 451 -0.41 23.72 -18.73
C ASP A 451 -1.70 22.92 -18.59
N ILE A 452 -1.60 21.61 -18.62
CA ILE A 452 -2.77 20.72 -18.55
C ILE A 452 -3.51 20.83 -17.22
N THR A 453 -2.89 21.39 -16.18
CA THR A 453 -3.55 21.52 -14.89
C THR A 453 -4.52 22.71 -14.91
N GLY A 454 -4.34 23.63 -15.85
CA GLY A 454 -5.18 24.82 -15.89
C GLY A 454 -4.72 25.90 -14.93
N ASN A 455 -3.63 25.68 -14.20
CA ASN A 455 -3.14 26.64 -13.21
C ASN A 455 -2.53 27.88 -13.87
N ARG A 456 -1.97 27.71 -15.06
CA ARG A 456 -1.44 28.84 -15.82
C ARG A 456 -2.09 28.87 -17.20
N SER A 457 -2.50 30.06 -17.64
CA SER A 457 -3.20 30.21 -18.90
C SER A 457 -2.29 30.55 -20.07
N GLU A 458 -1.06 30.94 -19.84
CA GLU A 458 -0.14 31.30 -20.92
C GLU A 458 0.66 30.11 -21.45
N PRO A 459 0.51 29.81 -22.72
CA PRO A 459 1.21 28.70 -23.37
C PRO A 459 2.67 29.04 -23.60
N VAL A 460 3.50 28.03 -23.80
CA VAL A 460 4.94 28.25 -24.00
C VAL A 460 5.38 27.69 -25.35
N VAL A 461 6.25 28.41 -26.07
CA VAL A 461 6.73 27.92 -27.36
C VAL A 461 8.15 27.35 -27.20
N ILE A 462 8.34 26.11 -27.62
CA ILE A 462 9.65 25.48 -27.59
C ILE A 462 10.52 26.09 -28.71
N ASN A 463 11.71 26.55 -28.32
CA ASN A 463 12.61 27.17 -29.29
C ASN A 463 13.26 26.16 -30.21
N SER A 464 13.96 26.66 -31.24
CA SER A 464 14.57 25.81 -32.23
C SER A 464 15.57 24.81 -31.69
N GLU A 465 16.12 24.95 -30.49
CA GLU A 465 17.10 24.01 -29.98
C GLU A 465 16.49 22.96 -29.04
N GLY A 466 15.18 23.05 -28.80
CA GLY A 466 14.52 22.11 -27.90
C GLY A 466 14.40 22.61 -26.47
N TRP A 467 14.56 23.92 -26.24
CA TRP A 467 14.45 24.47 -24.89
C TRP A 467 13.23 25.38 -24.76
N GLY A 468 12.59 25.33 -23.59
CA GLY A 468 11.44 26.19 -23.34
C GLY A 468 11.64 26.89 -21.99
N GLU A 469 11.02 28.06 -21.83
CA GLU A 469 11.07 28.79 -20.55
C GLU A 469 9.70 28.59 -19.89
N PHE A 470 9.66 27.74 -18.87
CA PHE A 470 8.43 27.35 -18.19
C PHE A 470 8.21 28.14 -16.91
N HIS A 471 6.96 28.43 -16.57
CA HIS A 471 6.61 29.22 -15.41
C HIS A 471 5.72 28.42 -14.45
N VAL A 472 5.73 28.76 -13.20
CA VAL A 472 4.91 28.12 -12.18
C VAL A 472 4.48 29.17 -11.16
N ASN A 473 3.23 29.10 -10.71
CA ASN A 473 2.73 30.02 -9.69
C ASN A 473 3.28 29.63 -8.31
N GLY A 474 3.02 30.48 -7.31
CA GLY A 474 3.52 30.20 -5.97
C GLY A 474 2.78 29.01 -5.38
N GLY A 475 3.49 28.17 -4.64
CA GLY A 475 2.89 27.03 -3.94
C GLY A 475 2.07 26.14 -4.87
N SER A 476 2.53 26.00 -6.11
CA SER A 476 1.72 25.29 -7.09
C SER A 476 2.50 24.32 -7.98
N VAL A 477 1.76 23.80 -8.96
CA VAL A 477 2.32 22.88 -9.95
C VAL A 477 1.84 23.28 -11.33
N SER A 478 2.68 23.18 -12.35
CA SER A 478 2.32 23.33 -13.74
C SER A 478 2.90 22.16 -14.53
N ILE A 479 2.11 21.56 -15.40
CA ILE A 479 2.61 20.44 -16.23
C ILE A 479 2.29 20.79 -17.69
N TYR A 480 3.31 21.15 -18.46
CA TYR A 480 3.09 21.56 -19.84
C TYR A 480 3.20 20.41 -20.81
N VAL A 481 2.27 20.33 -21.75
CA VAL A 481 2.24 19.28 -22.76
C VAL A 481 1.76 19.89 -24.08
N GLN A 482 1.93 19.19 -25.18
CA GLN A 482 1.49 19.68 -26.48
C GLN A 482 0.05 20.18 -26.50
N ARG A 483 -0.13 21.40 -27.03
CA ARG A 483 -1.49 21.95 -27.13
C ARG A 483 -2.23 21.15 -28.22
#